data_3NI0
#
_entry.id   3NI0
#
_cell.length_a   33.685
_cell.length_b   100.831
_cell.length_c   110.432
_cell.angle_alpha   90.00
_cell.angle_beta   90.00
_cell.angle_gamma   90.00
#
_symmetry.space_group_name_H-M   'I 21 21 21'
#
loop_
_entity.id
_entity.type
_entity.pdbx_description
1 polymer 'Bone marrow stromal antigen 2'
2 non-polymer 'ISOPROPYL ALCOHOL'
3 water water
#
_entity_poly.entity_id   1
_entity_poly.type   'polypeptide(L)'
_entity_poly.pdbx_seq_one_letter_code
;ANSVACRDGLRAQAECRNTTHLLQRQLTRTQDSLLQAETQANSCNLTVVTLQESLEKKVSQALEQQARIKELENEVTKLN
QELENLRIQKETSSTVQVN
;
_entity_poly.pdbx_strand_id   A,B
#
loop_
_chem_comp.id
_chem_comp.type
_chem_comp.name
_chem_comp.formula
IPA non-polymer 'ISOPROPYL ALCOHOL' 'C3 H8 O'
#
# COMPACT_ATOMS: atom_id res chain seq x y z
N ALA A 5 -68.39 -3.95 5.78
CA ALA A 5 -68.45 -3.79 7.23
C ALA A 5 -67.08 -3.47 7.79
N CYS A 6 -66.73 -4.07 8.93
CA CYS A 6 -65.42 -3.87 9.53
C CYS A 6 -64.39 -4.84 8.95
N ARG A 7 -64.78 -5.55 7.89
CA ARG A 7 -63.86 -6.43 7.20
C ARG A 7 -62.69 -5.62 6.66
N ASP A 8 -63.00 -4.45 6.12
CA ASP A 8 -61.97 -3.57 5.56
C ASP A 8 -60.95 -3.20 6.62
N GLY A 9 -61.41 -3.01 7.85
CA GLY A 9 -60.53 -2.65 8.95
C GLY A 9 -59.59 -3.78 9.34
N LEU A 10 -60.12 -4.99 9.43
CA LEU A 10 -59.31 -6.16 9.76
C LEU A 10 -58.20 -6.36 8.73
N ARG A 11 -58.55 -6.16 7.46
CA ARG A 11 -57.59 -6.32 6.38
C ARG A 11 -56.48 -5.28 6.45
N ALA A 12 -56.84 -4.05 6.78
CA ALA A 12 -55.86 -2.97 6.89
C ALA A 12 -54.91 -3.25 8.04
N GLN A 13 -55.45 -3.77 9.14
CA GLN A 13 -54.65 -4.05 10.33
C GLN A 13 -53.67 -5.19 10.07
N ALA A 14 -54.12 -6.17 9.30
CA ALA A 14 -53.26 -7.30 8.96
C ALA A 14 -52.12 -6.84 8.06
N GLU A 15 -52.45 -6.02 7.08
CA GLU A 15 -51.46 -5.47 6.16
C GLU A 15 -50.37 -4.72 6.94
N CYS A 16 -50.78 -3.90 7.88
CA CYS A 16 -49.84 -3.09 8.65
C CYS A 16 -48.96 -3.97 9.54
N ARG A 17 -49.57 -5.00 10.13
CA ARG A 17 -48.82 -5.92 10.99
C ARG A 17 -47.79 -6.68 10.18
N ASN A 18 -48.17 -7.10 8.98
CA ASN A 18 -47.28 -7.83 8.09
C ASN A 18 -46.13 -6.94 7.63
N THR A 19 -46.44 -5.68 7.38
CA THR A 19 -45.45 -4.74 6.87
C THR A 19 -44.40 -4.44 7.92
N THR A 20 -44.83 -4.22 9.16
CA THR A 20 -43.89 -3.98 10.26
C THR A 20 -43.03 -5.21 10.49
N HIS A 21 -43.66 -6.37 10.42
CA HIS A 21 -42.97 -7.65 10.61
C HIS A 21 -41.84 -7.79 9.60
N LEU A 22 -42.15 -7.51 8.34
CA LEU A 22 -41.20 -7.62 7.24
C LEU A 22 -40.09 -6.59 7.38
N LEU A 23 -40.46 -5.36 7.74
CA LEU A 23 -39.48 -4.27 7.88
C LEU A 23 -38.48 -4.58 8.98
N GLN A 24 -38.94 -5.21 10.06
CA GLN A 24 -38.06 -5.56 11.17
C GLN A 24 -37.00 -6.55 10.70
N ARG A 25 -37.41 -7.54 9.91
CA ARG A 25 -36.48 -8.54 9.39
C ARG A 25 -35.50 -7.92 8.39
N GLN A 26 -35.99 -7.02 7.54
CA GLN A 26 -35.14 -6.37 6.57
C GLN A 26 -34.12 -5.51 7.29
N LEU A 27 -34.55 -4.84 8.35
CA LEU A 27 -33.68 -3.98 9.14
C LEU A 27 -32.56 -4.79 9.78
N THR A 28 -32.92 -5.92 10.38
CA THR A 28 -31.94 -6.77 11.05
C THR A 28 -30.92 -7.31 10.06
N ARG A 29 -31.40 -7.70 8.88
CA ARG A 29 -30.52 -8.25 7.86
C ARG A 29 -29.59 -7.19 7.28
N THR A 30 -30.11 -5.97 7.12
CA THR A 30 -29.31 -4.88 6.57
C THR A 30 -28.24 -4.44 7.57
N GLN A 31 -28.58 -4.44 8.85
CA GLN A 31 -27.62 -4.11 9.89
C GLN A 31 -26.52 -5.16 9.94
N ASP A 32 -26.89 -6.42 9.74
CA ASP A 32 -25.90 -7.49 9.71
C ASP A 32 -24.95 -7.33 8.53
N SER A 33 -25.49 -6.93 7.38
CA SER A 33 -24.68 -6.69 6.20
C SER A 33 -23.75 -5.50 6.44
N LEU A 34 -24.25 -4.49 7.13
CA LEU A 34 -23.47 -3.29 7.44
C LEU A 34 -22.26 -3.69 8.28
N LEU A 35 -22.49 -4.52 9.30
CA LEU A 35 -21.42 -4.93 10.19
C LEU A 35 -20.41 -5.81 9.45
N GLN A 36 -20.88 -6.58 8.48
CA GLN A 36 -19.99 -7.40 7.66
C GLN A 36 -19.09 -6.53 6.80
N ALA A 37 -19.66 -5.47 6.24
CA ALA A 37 -18.91 -4.53 5.41
C ALA A 37 -17.87 -3.82 6.26
N GLU A 38 -18.26 -3.45 7.47
CA GLU A 38 -17.34 -2.76 8.38
C GLU A 38 -16.22 -3.70 8.82
N THR A 39 -16.52 -4.98 8.94
CA THR A 39 -15.50 -5.96 9.29
C THR A 39 -14.48 -6.07 8.17
N GLN A 40 -14.96 -6.06 6.93
CA GLN A 40 -14.07 -6.11 5.77
C GLN A 40 -13.20 -4.87 5.70
N ALA A 41 -13.78 -3.71 5.97
CA ALA A 41 -13.05 -2.45 5.93
C ALA A 41 -11.95 -2.43 6.99
N ASN A 42 -12.26 -2.97 8.16
CA ASN A 42 -11.31 -3.00 9.26
C ASN A 42 -10.11 -3.87 8.91
N SER A 43 -10.38 -5.04 8.34
CA SER A 43 -9.31 -5.97 7.96
C SER A 43 -8.46 -5.36 6.85
N CYS A 44 -9.12 -4.74 5.87
CA CYS A 44 -8.42 -4.10 4.77
C CYS A 44 -7.49 -3.03 5.31
N ASN A 45 -7.95 -2.30 6.32
CA ASN A 45 -7.15 -1.21 6.86
C ASN A 45 -5.85 -1.72 7.48
N LEU A 46 -5.91 -2.88 8.11
CA LEU A 46 -4.69 -3.47 8.67
C LEU A 46 -3.74 -3.84 7.54
N THR A 47 -4.30 -4.32 6.44
CA THR A 47 -3.48 -4.70 5.28
C THR A 47 -2.78 -3.46 4.73
N VAL A 48 -3.49 -2.34 4.72
CA VAL A 48 -2.93 -1.08 4.26
C VAL A 48 -1.77 -0.65 5.14
N VAL A 49 -1.97 -0.73 6.45
CA VAL A 49 -0.93 -0.35 7.41
C VAL A 49 0.30 -1.25 7.28
N THR A 50 0.07 -2.53 7.04
CA THR A 50 1.17 -3.49 6.93
C THR A 50 1.98 -3.20 5.66
N LEU A 51 1.29 -2.86 4.58
CA LEU A 51 1.95 -2.52 3.33
C LEU A 51 2.72 -1.21 3.46
N GLN A 52 2.14 -0.24 4.17
CA GLN A 52 2.79 1.04 4.39
C GLN A 52 4.06 0.85 5.22
N GLU A 53 4.00 -0.06 6.20
CA GLU A 53 5.17 -0.37 7.02
C GLU A 53 6.29 -0.95 6.17
N SER A 54 5.93 -1.84 5.26
CA SER A 54 6.91 -2.51 4.42
C SER A 54 7.50 -1.56 3.39
N LEU A 55 6.66 -0.66 2.89
CA LEU A 55 7.08 0.29 1.87
C LEU A 55 8.06 1.29 2.45
N GLU A 56 7.81 1.73 3.67
CA GLU A 56 8.69 2.65 4.36
C GLU A 56 10.09 2.05 4.49
N LYS A 57 10.13 0.78 4.88
CA LYS A 57 11.40 0.07 5.03
C LYS A 57 12.16 0.01 3.71
N LYS A 58 11.44 -0.30 2.64
CA LYS A 58 12.06 -0.44 1.31
C LYS A 58 12.50 0.90 0.74
N VAL A 59 11.75 1.95 1.04
CA VAL A 59 12.08 3.29 0.57
C VAL A 59 13.36 3.76 1.26
N SER A 60 13.47 3.49 2.55
CA SER A 60 14.68 3.81 3.31
C SER A 60 15.87 3.03 2.77
N GLN A 61 15.64 1.75 2.49
CA GLN A 61 16.71 0.86 2.05
C GLN A 61 17.22 1.25 0.66
N ALA A 62 16.31 1.69 -0.20
CA ALA A 62 16.68 2.12 -1.55
C ALA A 62 17.54 3.38 -1.48
N LEU A 63 17.22 4.28 -0.55
CA LEU A 63 17.99 5.51 -0.39
C LEU A 63 19.39 5.19 0.16
N GLU A 64 19.47 4.27 1.11
CA GLU A 64 20.75 3.83 1.66
C GLU A 64 21.62 3.23 0.57
N GLN A 65 21.01 2.46 -0.32
CA GLN A 65 21.73 1.80 -1.40
C GLN A 65 22.30 2.81 -2.38
N GLN A 66 21.53 3.88 -2.62
CA GLN A 66 21.96 4.91 -3.56
C GLN A 66 23.17 5.66 -3.04
N ALA A 67 23.22 5.87 -1.72
CA ALA A 67 24.37 6.49 -1.09
C ALA A 67 25.59 5.58 -1.20
N ARG A 68 25.37 4.28 -1.07
CA ARG A 68 26.43 3.30 -1.14
C ARG A 68 26.97 3.20 -2.57
N ILE A 69 26.07 3.29 -3.53
CA ILE A 69 26.44 3.25 -4.94
C ILE A 69 27.31 4.46 -5.26
N LYS A 70 26.94 5.61 -4.70
CA LYS A 70 27.70 6.83 -4.91
C LYS A 70 29.11 6.70 -4.31
N GLU A 71 29.18 6.13 -3.12
CA GLU A 71 30.45 5.93 -2.43
C GLU A 71 31.36 5.02 -3.25
N LEU A 72 30.77 3.96 -3.82
CA LEU A 72 31.53 2.98 -4.58
C LEU A 72 31.97 3.56 -5.93
N GLU A 73 31.09 4.31 -6.57
CA GLU A 73 31.45 5.00 -7.82
C GLU A 73 32.65 5.88 -7.60
N ASN A 74 32.66 6.64 -6.49
CA ASN A 74 33.76 7.53 -6.18
C ASN A 74 35.06 6.77 -5.97
N GLU A 75 34.95 5.59 -5.35
CA GLU A 75 36.15 4.79 -5.10
C GLU A 75 36.71 4.24 -6.40
N VAL A 76 35.84 3.77 -7.29
CA VAL A 76 36.25 3.26 -8.59
C VAL A 76 36.95 4.36 -9.38
N THR A 77 36.42 5.58 -9.30
CA THR A 77 37.01 6.72 -9.98
C THR A 77 38.40 6.99 -9.44
N LYS A 78 38.53 6.93 -8.12
CA LYS A 78 39.81 7.18 -7.45
C LYS A 78 40.86 6.16 -7.85
N LEU A 79 40.50 4.88 -7.83
CA LEU A 79 41.44 3.81 -8.15
C LEU A 79 41.82 3.85 -9.63
N ASN A 80 40.87 4.19 -10.49
CA ASN A 80 41.14 4.34 -11.91
C ASN A 80 42.12 5.47 -12.17
N GLN A 81 42.04 6.52 -11.36
CA GLN A 81 42.94 7.66 -11.53
C GLN A 81 44.33 7.30 -11.06
N GLU A 82 44.43 6.43 -10.05
CA GLU A 82 45.72 5.97 -9.55
C GLU A 82 46.41 5.09 -10.58
N LEU A 83 45.64 4.23 -11.24
CA LEU A 83 46.16 3.37 -12.30
C LEU A 83 46.59 4.22 -13.48
N GLU A 84 45.78 5.23 -13.80
CA GLU A 84 46.06 6.11 -14.91
C GLU A 84 47.34 6.89 -14.65
N ASN A 85 47.55 7.26 -13.40
CA ASN A 85 48.75 8.01 -13.02
C ASN A 85 50.00 7.16 -13.22
N LEU A 86 49.93 5.88 -12.88
CA LEU A 86 51.05 4.97 -13.08
C LEU A 86 51.34 4.82 -14.57
N ARG A 87 50.28 4.76 -15.38
CA ARG A 87 50.45 4.63 -16.83
C ARG A 87 51.10 5.87 -17.41
N ILE A 88 50.73 7.04 -16.88
CA ILE A 88 51.29 8.30 -17.35
C ILE A 88 52.75 8.42 -16.95
N GLN A 89 53.09 7.94 -15.74
CA GLN A 89 54.47 7.97 -15.29
C GLN A 89 55.35 7.13 -16.20
N LYS A 90 54.83 6.00 -16.67
CA LYS A 90 55.57 5.16 -17.62
C LYS A 90 55.69 5.88 -18.97
N GLU A 91 54.57 6.44 -19.42
CA GLU A 91 54.52 7.18 -20.67
C GLU A 91 55.58 8.27 -20.73
N THR A 92 55.81 8.91 -19.59
CA THR A 92 56.66 10.09 -19.53
C THR A 92 58.05 9.80 -18.97
N SER A 93 58.36 8.53 -18.74
CA SER A 93 59.57 8.16 -18.03
C SER A 93 60.87 8.51 -18.76
N SER A 94 60.79 8.81 -20.06
CA SER A 94 61.98 9.14 -20.84
C SER A 94 61.92 10.56 -21.40
N THR A 95 60.96 11.34 -20.93
CA THR A 95 60.74 12.68 -21.44
C THR A 95 61.58 13.72 -20.72
N VAL A 96 62.46 14.38 -21.47
CA VAL A 96 63.28 15.47 -20.93
C VAL A 96 63.14 16.69 -21.81
N GLN A 97 63.53 17.85 -21.27
CA GLN A 97 63.61 19.06 -22.06
C GLN A 97 64.94 19.05 -22.82
N VAL A 98 64.91 19.42 -24.09
CA VAL A 98 66.10 19.32 -24.93
C VAL A 98 66.57 20.65 -25.51
N ASN A 99 65.74 21.69 -25.42
CA ASN A 99 66.13 23.01 -25.91
C ASN A 99 66.86 23.82 -24.85
N CYS B 6 -65.54 1.61 13.35
CA CYS B 6 -64.99 1.11 14.61
C CYS B 6 -63.95 2.09 15.15
N ARG B 7 -63.59 1.92 16.41
CA ARG B 7 -62.54 2.72 17.03
C ARG B 7 -61.39 1.81 17.47
N ASP B 8 -61.75 0.60 17.87
CA ASP B 8 -60.77 -0.41 18.26
C ASP B 8 -59.70 -0.55 17.19
N GLY B 9 -60.07 -0.27 15.95
CA GLY B 9 -59.16 -0.40 14.83
C GLY B 9 -58.42 0.89 14.53
N LEU B 10 -59.12 2.01 14.66
CA LEU B 10 -58.54 3.32 14.35
C LEU B 10 -57.29 3.59 15.18
N ARG B 11 -57.36 3.29 16.47
CA ARG B 11 -56.22 3.47 17.36
C ARG B 11 -55.10 2.51 16.98
N ALA B 12 -55.44 1.24 16.86
CA ALA B 12 -54.46 0.21 16.50
C ALA B 12 -53.81 0.52 15.15
N GLN B 13 -54.53 1.22 14.28
CA GLN B 13 -54.03 1.51 12.93
C GLN B 13 -53.06 2.67 12.94
N ALA B 14 -53.42 3.73 13.65
CA ALA B 14 -52.57 4.92 13.74
C ALA B 14 -51.24 4.54 14.38
N GLU B 15 -51.29 3.68 15.39
CA GLU B 15 -50.09 3.21 16.05
C GLU B 15 -49.22 2.39 15.09
N CYS B 16 -49.83 1.42 14.43
CA CYS B 16 -49.12 0.57 13.50
C CYS B 16 -48.54 1.39 12.35
N ARG B 17 -49.17 2.51 12.04
CA ARG B 17 -48.68 3.40 10.99
C ARG B 17 -47.42 4.12 11.45
N ASN B 18 -47.44 4.59 12.70
CA ASN B 18 -46.29 5.28 13.26
C ASN B 18 -45.08 4.34 13.37
N THR B 19 -45.36 3.07 13.63
CA THR B 19 -44.31 2.08 13.76
C THR B 19 -43.71 1.74 12.41
N THR B 20 -44.58 1.64 11.40
CA THR B 20 -44.13 1.38 10.04
C THR B 20 -43.17 2.48 9.59
N HIS B 21 -43.52 3.73 9.88
CA HIS B 21 -42.69 4.86 9.47
C HIS B 21 -41.35 4.88 10.19
N LEU B 22 -41.34 4.55 11.48
CA LEU B 22 -40.10 4.52 12.23
C LEU B 22 -39.17 3.43 11.69
N LEU B 23 -39.73 2.27 11.38
CA LEU B 23 -38.94 1.17 10.84
C LEU B 23 -38.42 1.47 9.45
N GLN B 24 -39.22 2.15 8.63
CA GLN B 24 -38.82 2.50 7.28
C GLN B 24 -37.67 3.49 7.35
N ARG B 25 -37.73 4.39 8.32
CA ARG B 25 -36.65 5.35 8.53
C ARG B 25 -35.37 4.66 8.95
N GLN B 26 -35.47 3.72 9.89
CA GLN B 26 -34.29 3.00 10.36
C GLN B 26 -33.68 2.20 9.20
N LEU B 27 -34.54 1.59 8.39
CA LEU B 27 -34.07 0.76 7.29
C LEU B 27 -33.31 1.62 6.29
N THR B 28 -33.85 2.78 5.95
CA THR B 28 -33.19 3.67 5.02
C THR B 28 -31.82 4.10 5.54
N ARG B 29 -31.77 4.49 6.82
CA ARG B 29 -30.51 4.91 7.43
C ARG B 29 -29.47 3.79 7.38
N THR B 30 -29.91 2.56 7.62
CA THR B 30 -29.00 1.43 7.69
C THR B 30 -28.49 1.06 6.31
N GLN B 31 -29.37 1.21 5.30
CA GLN B 31 -28.99 0.95 3.92
C GLN B 31 -27.95 1.96 3.46
N ASP B 32 -28.14 3.21 3.86
CA ASP B 32 -27.22 4.27 3.47
C ASP B 32 -25.87 4.07 4.14
N SER B 33 -25.89 3.67 5.40
CA SER B 33 -24.65 3.38 6.12
C SER B 33 -23.94 2.19 5.46
N LEU B 34 -24.73 1.23 5.02
CA LEU B 34 -24.20 0.07 4.32
C LEU B 34 -23.45 0.50 3.06
N LEU B 35 -24.05 1.37 2.26
CA LEU B 35 -23.41 1.83 1.04
C LEU B 35 -22.11 2.57 1.35
N GLN B 36 -22.13 3.37 2.42
CA GLN B 36 -20.95 4.11 2.85
C GLN B 36 -19.83 3.17 3.29
N ALA B 37 -20.19 2.09 3.97
CA ALA B 37 -19.21 1.14 4.46
C ALA B 37 -18.61 0.37 3.31
N GLU B 38 -19.44 0.05 2.31
CA GLU B 38 -18.97 -0.64 1.13
C GLU B 38 -17.99 0.24 0.37
N THR B 39 -18.27 1.54 0.33
CA THR B 39 -17.37 2.48 -0.32
C THR B 39 -16.05 2.61 0.44
N GLN B 40 -16.11 2.56 1.77
CA GLN B 40 -14.87 2.59 2.55
C GLN B 40 -14.03 1.37 2.19
N ALA B 41 -14.69 0.22 2.05
CA ALA B 41 -14.00 -1.02 1.72
C ALA B 41 -13.43 -0.96 0.31
N ASN B 42 -14.16 -0.36 -0.62
CA ASN B 42 -13.71 -0.26 -2.00
C ASN B 42 -12.54 0.69 -2.14
N SER B 43 -12.59 1.79 -1.41
CA SER B 43 -11.49 2.75 -1.41
C SER B 43 -10.25 2.11 -0.81
N CYS B 44 -10.46 1.36 0.27
CA CYS B 44 -9.36 0.66 0.93
C CYS B 44 -8.75 -0.37 -0.02
N ASN B 45 -9.59 -1.02 -0.81
CA ASN B 45 -9.09 -1.99 -1.78
C ASN B 45 -8.19 -1.33 -2.81
N LEU B 46 -8.55 -0.13 -3.24
CA LEU B 46 -7.72 0.62 -4.18
C LEU B 46 -6.39 1.01 -3.56
N THR B 47 -6.41 1.42 -2.29
CA THR B 47 -5.20 1.79 -1.59
C THR B 47 -4.27 0.60 -1.48
N VAL B 48 -4.84 -0.58 -1.25
CA VAL B 48 -4.05 -1.79 -1.17
C VAL B 48 -3.35 -2.06 -2.50
N VAL B 49 -4.09 -1.97 -3.61
CA VAL B 49 -3.51 -2.19 -4.92
C VAL B 49 -2.41 -1.17 -5.21
N THR B 50 -2.67 0.09 -4.89
CA THR B 50 -1.69 1.15 -5.08
C THR B 50 -0.39 0.82 -4.36
N LEU B 51 -0.51 0.44 -3.09
CA LEU B 51 0.64 0.15 -2.25
C LEU B 51 1.36 -1.12 -2.67
N GLN B 52 0.60 -2.11 -3.12
CA GLN B 52 1.20 -3.35 -3.60
C GLN B 52 2.09 -3.08 -4.81
N GLU B 53 1.61 -2.22 -5.70
CA GLU B 53 2.35 -1.92 -6.92
C GLU B 53 3.56 -1.05 -6.65
N SER B 54 3.44 -0.11 -5.72
CA SER B 54 4.58 0.70 -5.30
C SER B 54 5.64 -0.18 -4.63
N LEU B 55 5.18 -1.11 -3.80
CA LEU B 55 6.07 -2.00 -3.06
C LEU B 55 6.79 -2.95 -4.02
N GLU B 56 6.09 -3.40 -5.05
CA GLU B 56 6.70 -4.27 -6.05
C GLU B 56 7.83 -3.54 -6.78
N LYS B 57 7.59 -2.27 -7.11
CA LYS B 57 8.61 -1.48 -7.81
C LYS B 57 9.81 -1.20 -6.92
N LYS B 58 9.57 -0.97 -5.64
CA LYS B 58 10.66 -0.65 -4.72
C LYS B 58 11.49 -1.89 -4.38
N VAL B 59 10.83 -3.04 -4.31
CA VAL B 59 11.54 -4.30 -4.13
C VAL B 59 12.43 -4.57 -5.34
N SER B 60 11.90 -4.31 -6.52
CA SER B 60 12.65 -4.51 -7.76
C SER B 60 13.80 -3.51 -7.87
N GLN B 61 13.58 -2.28 -7.40
CA GLN B 61 14.62 -1.27 -7.42
C GLN B 61 15.76 -1.68 -6.50
N ALA B 62 15.40 -2.18 -5.32
CA ALA B 62 16.40 -2.60 -4.35
C ALA B 62 17.23 -3.75 -4.91
N LEU B 63 16.60 -4.63 -5.68
CA LEU B 63 17.32 -5.73 -6.32
C LEU B 63 18.29 -5.23 -7.39
N GLU B 64 17.82 -4.32 -8.23
CA GLU B 64 18.67 -3.75 -9.27
C GLU B 64 19.84 -3.01 -8.64
N GLN B 65 19.58 -2.29 -7.56
CA GLN B 65 20.60 -1.49 -6.90
C GLN B 65 21.61 -2.37 -6.16
N GLN B 66 21.15 -3.52 -5.68
CA GLN B 66 22.04 -4.45 -5.01
C GLN B 66 22.96 -5.12 -6.03
N ALA B 67 22.43 -5.38 -7.22
CA ALA B 67 23.22 -5.94 -8.31
C ALA B 67 24.30 -4.95 -8.71
N ARG B 68 23.95 -3.67 -8.74
CA ARG B 68 24.90 -2.63 -9.08
C ARG B 68 25.98 -2.51 -8.03
N ILE B 69 25.59 -2.63 -6.77
CA ILE B 69 26.53 -2.54 -5.66
C ILE B 69 27.55 -3.68 -5.72
N LYS B 70 27.09 -4.87 -6.08
CA LYS B 70 27.96 -6.03 -6.17
C LYS B 70 28.94 -5.88 -7.33
N GLU B 71 28.45 -5.32 -8.44
CA GLU B 71 29.28 -5.08 -9.62
C GLU B 71 30.39 -4.08 -9.28
N LEU B 72 30.02 -3.03 -8.56
CA LEU B 72 30.96 -1.98 -8.18
C LEU B 72 31.96 -2.48 -7.15
N GLU B 73 31.50 -3.30 -6.22
CA GLU B 73 32.37 -3.89 -5.21
C GLU B 73 33.38 -4.81 -5.88
N ASN B 74 32.93 -5.57 -6.87
CA ASN B 74 33.81 -6.43 -7.64
C ASN B 74 34.86 -5.62 -8.39
N GLU B 75 34.45 -4.47 -8.92
CA GLU B 75 35.36 -3.60 -9.66
C GLU B 75 36.39 -3.00 -8.72
N VAL B 76 35.97 -2.62 -7.53
CA VAL B 76 36.89 -2.05 -6.56
C VAL B 76 37.97 -3.05 -6.18
N THR B 77 37.55 -4.29 -5.90
CA THR B 77 38.49 -5.34 -5.53
C THR B 77 39.46 -5.60 -6.68
N LYS B 78 38.92 -5.65 -7.89
CA LYS B 78 39.72 -5.89 -9.08
C LYS B 78 40.80 -4.83 -9.26
N LEU B 79 40.39 -3.57 -9.21
CA LEU B 79 41.31 -2.45 -9.39
C LEU B 79 42.34 -2.40 -8.27
N ASN B 80 41.92 -2.75 -7.07
CA ASN B 80 42.81 -2.71 -5.92
C ASN B 80 43.94 -3.73 -6.08
N GLN B 81 43.59 -4.91 -6.56
CA GLN B 81 44.56 -5.98 -6.78
C GLN B 81 45.50 -5.60 -7.92
N GLU B 82 44.95 -5.01 -8.98
CA GLU B 82 45.77 -4.57 -10.11
C GLU B 82 46.81 -3.56 -9.62
N LEU B 83 46.37 -2.64 -8.76
CA LEU B 83 47.25 -1.62 -8.23
C LEU B 83 48.32 -2.20 -7.32
N GLU B 84 47.96 -3.23 -6.56
CA GLU B 84 48.92 -3.86 -5.65
C GLU B 84 49.98 -4.63 -6.43
N ASN B 85 49.56 -5.37 -7.44
CA ASN B 85 50.50 -6.10 -8.30
C ASN B 85 51.48 -5.15 -8.97
N LEU B 86 50.95 -4.04 -9.49
CA LEU B 86 51.78 -3.09 -10.21
C LEU B 86 52.76 -2.39 -9.28
N ARG B 87 52.34 -2.13 -8.04
CA ARG B 87 53.18 -1.42 -7.09
C ARG B 87 54.30 -2.31 -6.54
N ILE B 88 54.00 -3.57 -6.28
CA ILE B 88 55.02 -4.51 -5.88
C ILE B 88 56.04 -4.68 -7.00
N GLN B 89 55.54 -4.81 -8.23
CA GLN B 89 56.40 -4.98 -9.38
C GLN B 89 57.37 -3.80 -9.54
N LYS B 90 56.86 -2.59 -9.34
CA LYS B 90 57.71 -1.40 -9.39
C LYS B 90 58.74 -1.47 -8.26
N GLU B 91 60.00 -1.27 -8.61
CA GLU B 91 61.12 -1.34 -7.68
C GLU B 91 61.10 -2.54 -6.72
N THR B 92 60.71 -3.70 -7.22
CA THR B 92 61.20 -4.96 -6.68
C THR B 92 62.02 -5.62 -7.77
C1 IPA C . -33.31 -5.66 2.68
C2 IPA C . -32.23 -4.89 1.93
C3 IPA C . -32.72 -4.51 0.55
O2 IPA C . -31.90 -3.71 2.63
#